data_4RI2
#
_entry.id   4RI2
#
_cell.length_a   71.999
_cell.length_b   77.537
_cell.length_c   93.184
_cell.angle_alpha   90.00
_cell.angle_beta   90.00
_cell.angle_gamma   90.00
#
_symmetry.space_group_name_H-M   'P 21 21 21'
#
loop_
_entity.id
_entity.type
_entity.pdbx_description
1 polymer 'Photosystem II 22 kDa protein, chloroplastic'
2 non-polymer 'nonyl beta-D-glucopyranoside'
3 non-polymer 'CHLOROPHYLL A'
4 non-polymer 'MERCURY (II) ION'
5 water water
#
_entity_poly.entity_id   1
_entity_poly.type   'polypeptide(L)'
_entity_poly.pdbx_seq_one_letter_code
;LFKSKAKAPKKVEKPKLKVEDGLFGTSGGIGFTKENELFVGRVAMIGFAASLLGEGITGKGILSQLNLETGIPIYEAEPL
LLFFILFTLLGAIGALGDRGRFVDEPTTGLEKAVIPPGKDVRSALGLKTKGPLFGFTKSNELFVGRLAQLGFAFSLIGEI
ITGKGALAQLNIETGVPINEIEPLVLLNVVFFFIAAINPGTGKFITDDEEED
;
_entity_poly.pdbx_strand_id   A,B
#
# COMPACT_ATOMS: atom_id res chain seq x y z
N ALA A 6 17.87 -35.58 35.04
CA ALA A 6 19.03 -35.99 34.26
C ALA A 6 18.69 -36.21 32.79
N LYS A 7 17.92 -37.25 32.49
CA LYS A 7 17.48 -37.50 31.12
C LYS A 7 16.07 -36.97 30.91
N ALA A 8 15.93 -36.06 29.96
CA ALA A 8 14.64 -35.44 29.67
C ALA A 8 13.65 -36.45 29.10
N PRO A 9 12.41 -36.40 29.57
CA PRO A 9 11.33 -37.23 29.02
C PRO A 9 11.09 -36.91 27.56
N LYS A 10 10.68 -37.90 26.76
CA LYS A 10 10.39 -37.66 25.37
C LYS A 10 9.15 -36.79 25.24
N LYS A 11 9.19 -35.81 24.36
CA LYS A 11 8.04 -34.94 24.15
C LYS A 11 7.27 -35.34 22.90
N VAL A 12 5.96 -35.45 23.06
CA VAL A 12 5.09 -35.64 21.90
C VAL A 12 5.19 -34.39 21.04
N GLU A 13 5.84 -34.53 19.89
CA GLU A 13 6.10 -33.37 19.03
C GLU A 13 4.80 -32.72 18.56
N LYS A 14 4.62 -31.45 18.92
CA LYS A 14 3.42 -30.72 18.57
C LYS A 14 3.44 -30.41 17.08
N PRO A 15 2.29 -30.54 16.40
CA PRO A 15 2.22 -30.26 14.96
C PRO A 15 2.57 -28.82 14.65
N LYS A 16 3.80 -28.58 14.21
CA LYS A 16 4.27 -27.23 13.94
C LYS A 16 3.49 -26.55 12.81
N LEU A 17 3.13 -25.30 13.03
CA LEU A 17 2.31 -24.56 12.07
C LEU A 17 3.16 -23.80 11.05
N LYS A 18 2.84 -23.98 9.78
CA LYS A 18 3.46 -23.20 8.72
C LYS A 18 2.60 -21.97 8.48
N VAL A 19 3.10 -20.82 8.93
CA VAL A 19 2.37 -19.57 8.81
C VAL A 19 2.56 -18.98 7.43
N GLU A 20 1.48 -18.47 6.85
CA GLU A 20 1.54 -17.86 5.53
C GLU A 20 1.75 -16.35 5.63
N ASP A 21 2.98 -15.96 5.96
CA ASP A 21 3.32 -14.54 6.13
C ASP A 21 4.62 -14.15 5.43
N GLY A 22 5.00 -14.94 4.42
CA GLY A 22 6.25 -14.71 3.71
C GLY A 22 6.08 -13.91 2.44
N LEU A 23 7.08 -13.99 1.56
CA LEU A 23 7.03 -13.31 0.28
C LEU A 23 5.79 -13.70 -0.51
N PHE A 24 4.96 -12.71 -0.81
CA PHE A 24 3.69 -12.92 -1.51
C PHE A 24 2.77 -13.91 -0.80
N GLY A 25 3.00 -14.12 0.49
CA GLY A 25 2.12 -14.92 1.31
C GLY A 25 2.54 -16.34 1.59
N THR A 26 3.61 -16.79 0.94
CA THR A 26 4.04 -18.19 1.06
C THR A 26 4.47 -18.55 2.48
N SER A 27 4.56 -19.84 2.76
CA SER A 27 4.86 -20.33 4.11
C SER A 27 6.26 -20.91 4.19
N GLY A 28 7.05 -20.72 3.15
CA GLY A 28 8.36 -21.32 3.07
C GLY A 28 9.47 -20.56 3.77
N GLY A 29 9.10 -19.71 4.72
CA GLY A 29 10.08 -18.95 5.49
C GLY A 29 10.90 -17.98 4.67
N ILE A 30 10.42 -17.65 3.48
CA ILE A 30 11.12 -16.71 2.60
C ILE A 30 10.44 -15.34 2.58
N GLY A 31 11.23 -14.29 2.79
CA GLY A 31 10.73 -12.93 2.75
C GLY A 31 11.14 -12.11 3.96
N PHE A 32 10.82 -10.83 3.95
CA PHE A 32 11.14 -9.94 5.06
C PHE A 32 10.44 -10.37 6.34
N THR A 33 11.11 -10.15 7.47
CA THR A 33 10.45 -10.22 8.77
C THR A 33 9.85 -8.85 9.04
N LYS A 34 9.07 -8.73 10.11
CA LYS A 34 8.52 -7.43 10.49
C LYS A 34 9.62 -6.44 10.87
N GLU A 35 10.75 -6.95 11.34
CA GLU A 35 11.89 -6.10 11.68
C GLU A 35 12.51 -5.47 10.44
N ASN A 36 12.71 -6.30 9.40
CA ASN A 36 13.20 -5.82 8.11
C ASN A 36 12.29 -4.71 7.58
N GLU A 37 10.99 -4.99 7.60
CA GLU A 37 9.97 -4.03 7.18
C GLU A 37 10.07 -2.74 7.96
N LEU A 38 10.31 -2.87 9.26
CA LEU A 38 10.43 -1.71 10.13
C LEU A 38 11.60 -0.84 9.68
N PHE A 39 12.75 -1.47 9.45
CA PHE A 39 13.92 -0.73 8.99
C PHE A 39 13.67 -0.02 7.66
N VAL A 40 13.18 -0.77 6.68
CA VAL A 40 12.86 -0.20 5.37
C VAL A 40 11.91 0.99 5.51
N GLY A 41 10.95 0.84 6.41
CA GLY A 41 10.00 1.89 6.72
C GLY A 41 10.68 3.13 7.27
N ARG A 42 11.67 2.94 8.14
CA ARG A 42 12.43 4.07 8.68
C ARG A 42 13.15 4.81 7.56
N VAL A 43 13.77 4.03 6.67
CA VAL A 43 14.46 4.61 5.52
C VAL A 43 13.51 5.44 4.67
N ALA A 44 12.29 4.92 4.49
CA ALA A 44 11.27 5.65 3.75
C ALA A 44 10.82 6.91 4.48
N MET A 45 10.76 6.86 5.81
CA MET A 45 10.42 8.02 6.61
C MET A 45 11.42 9.14 6.39
N ILE A 46 12.70 8.80 6.52
CA ILE A 46 13.78 9.78 6.34
C ILE A 46 13.85 10.31 4.89
N GLY A 47 13.62 9.42 3.92
CA GLY A 47 13.62 9.82 2.52
C GLY A 47 12.49 10.80 2.19
N PHE A 48 11.30 10.47 2.68
CA PHE A 48 10.12 11.30 2.45
C PHE A 48 10.31 12.66 3.11
N ALA A 49 10.75 12.64 4.37
CA ALA A 49 11.00 13.86 5.12
C ALA A 49 12.02 14.75 4.42
N ALA A 50 13.12 14.14 3.97
CA ALA A 50 14.17 14.88 3.28
C ALA A 50 13.67 15.44 1.96
N SER A 51 12.76 14.72 1.33
CA SER A 51 12.14 15.19 0.09
C SER A 51 11.36 16.48 0.35
N LEU A 52 10.49 16.42 1.36
CA LEU A 52 9.65 17.57 1.68
C LEU A 52 10.45 18.78 2.18
N LEU A 53 11.44 18.53 3.02
CA LEU A 53 12.28 19.61 3.55
C LEU A 53 13.11 20.22 2.43
N GLY A 54 13.74 19.36 1.63
CA GLY A 54 14.52 19.79 0.49
C GLY A 54 13.73 20.67 -0.46
N GLU A 55 12.51 20.24 -0.78
CA GLU A 55 11.67 21.06 -1.66
C GLU A 55 11.23 22.36 -0.98
N GLY A 56 10.94 22.27 0.32
CA GLY A 56 10.52 23.44 1.07
C GLY A 56 11.60 24.51 1.13
N ILE A 57 12.84 24.09 1.03
CA ILE A 57 13.97 25.01 1.09
C ILE A 57 14.40 25.50 -0.29
N THR A 58 14.48 24.58 -1.24
CA THR A 58 14.99 24.92 -2.58
C THR A 58 13.89 25.27 -3.58
N GLY A 59 12.69 24.73 -3.37
CA GLY A 59 11.60 24.93 -4.30
C GLY A 59 11.59 23.89 -5.39
N LYS A 60 12.53 22.94 -5.29
CA LYS A 60 12.69 21.91 -6.31
C LYS A 60 12.40 20.52 -5.74
N GLY A 61 11.71 19.69 -6.53
CA GLY A 61 11.41 18.33 -6.12
C GLY A 61 12.67 17.49 -6.01
N ILE A 62 12.58 16.40 -5.26
CA ILE A 62 13.75 15.57 -4.96
C ILE A 62 14.36 14.92 -6.21
N LEU A 63 13.51 14.45 -7.12
CA LEU A 63 13.98 13.80 -8.34
C LEU A 63 14.74 14.80 -9.20
N SER A 64 14.24 16.04 -9.25
CA SER A 64 14.92 17.12 -9.95
C SER A 64 16.29 17.39 -9.32
N GLN A 65 16.35 17.37 -8.00
CA GLN A 65 17.61 17.58 -7.29
C GLN A 65 18.59 16.44 -7.51
N LEU A 66 18.07 15.25 -7.78
CA LEU A 66 18.91 14.07 -8.02
C LEU A 66 19.28 13.95 -9.50
N ASN A 67 19.01 15.01 -10.26
CA ASN A 67 19.28 15.05 -11.69
C ASN A 67 18.55 13.98 -12.51
N LEU A 68 17.29 13.75 -12.19
CA LEU A 68 16.46 12.81 -12.95
C LEU A 68 15.39 13.57 -13.74
N GLU A 69 15.01 13.01 -14.90
CA GLU A 69 14.01 13.65 -15.76
C GLU A 69 12.62 13.57 -15.15
N THR A 70 11.91 14.71 -15.15
CA THR A 70 10.53 14.76 -14.68
C THR A 70 9.65 15.45 -15.71
N GLY A 71 8.34 15.32 -15.57
CA GLY A 71 7.42 15.85 -16.55
C GLY A 71 7.41 14.94 -17.78
N ILE A 72 7.48 13.63 -17.51
CA ILE A 72 7.57 12.63 -18.56
C ILE A 72 6.64 11.45 -18.23
N PRO A 73 6.23 10.69 -19.26
CA PRO A 73 5.48 9.46 -18.99
C PRO A 73 6.32 8.46 -18.22
N ILE A 74 5.67 7.57 -17.47
CA ILE A 74 6.35 6.63 -16.59
C ILE A 74 7.33 5.71 -17.31
N TYR A 75 6.98 5.27 -18.51
CA TYR A 75 7.82 4.32 -19.25
C TYR A 75 9.17 4.90 -19.69
N GLU A 76 9.32 6.21 -19.62
CA GLU A 76 10.56 6.87 -20.01
C GLU A 76 11.50 7.11 -18.82
N ALA A 77 11.01 6.91 -17.61
CA ALA A 77 11.80 7.17 -16.42
C ALA A 77 12.87 6.09 -16.20
N GLU A 78 13.90 6.43 -15.44
CA GLU A 78 14.96 5.47 -15.10
C GLU A 78 14.37 4.24 -14.43
N PRO A 79 14.57 3.06 -15.04
CA PRO A 79 14.02 1.80 -14.55
C PRO A 79 14.41 1.49 -13.11
N LEU A 80 15.53 2.04 -12.65
CA LEU A 80 15.95 1.85 -11.26
C LEU A 80 15.00 2.58 -10.32
N LEU A 81 14.58 3.78 -10.72
CA LEU A 81 13.59 4.54 -9.96
C LEU A 81 12.25 3.83 -9.92
N LEU A 82 11.83 3.30 -11.07
CA LEU A 82 10.59 2.53 -11.15
C LEU A 82 10.66 1.29 -10.26
N PHE A 83 11.83 0.67 -10.23
CA PHE A 83 12.06 -0.50 -9.38
C PHE A 83 11.97 -0.13 -7.90
N PHE A 84 12.56 1.01 -7.54
CA PHE A 84 12.48 1.50 -6.17
C PHE A 84 11.03 1.78 -5.76
N ILE A 85 10.27 2.37 -6.68
CA ILE A 85 8.86 2.65 -6.46
C ILE A 85 8.05 1.37 -6.25
N LEU A 86 8.27 0.40 -7.14
CA LEU A 86 7.62 -0.91 -7.02
C LEU A 86 7.96 -1.57 -5.68
N PHE A 87 9.25 -1.56 -5.33
CA PHE A 87 9.74 -2.14 -4.08
C PHE A 87 9.06 -1.49 -2.89
N THR A 88 8.96 -0.16 -2.93
CA THR A 88 8.35 0.62 -1.85
C THR A 88 6.88 0.26 -1.69
N LEU A 89 6.17 0.19 -2.81
CA LEU A 89 4.75 -0.15 -2.78
C LEU A 89 4.49 -1.59 -2.29
N LEU A 90 5.22 -2.54 -2.86
CA LEU A 90 5.09 -3.95 -2.46
C LEU A 90 5.43 -4.13 -0.98
N GLY A 91 6.41 -3.36 -0.51
CA GLY A 91 6.79 -3.40 0.88
C GLY A 91 5.70 -2.83 1.76
N ALA A 92 5.09 -1.73 1.31
CA ALA A 92 4.02 -1.07 2.06
C ALA A 92 2.84 -2.00 2.34
N ILE A 93 2.50 -2.85 1.38
CA ILE A 93 1.39 -3.79 1.58
C ILE A 93 1.87 -5.11 2.17
N GLY A 94 3.15 -5.16 2.51
CA GLY A 94 3.72 -6.33 3.14
C GLY A 94 3.89 -7.53 2.22
N ALA A 95 3.93 -7.28 0.92
CA ALA A 95 4.03 -8.36 -0.07
C ALA A 95 5.43 -8.98 -0.14
N LEU A 96 6.42 -8.28 0.42
CA LEU A 96 7.80 -8.76 0.38
C LEU A 96 8.13 -9.61 1.60
N GLY A 97 7.10 -9.95 2.38
CA GLY A 97 7.30 -10.70 3.60
C GLY A 97 6.85 -9.89 4.81
N ASP A 98 6.15 -10.56 5.72
CA ASP A 98 5.65 -9.92 6.93
C ASP A 98 5.84 -10.89 8.09
N ARG A 99 6.96 -11.63 8.05
CA ARG A 99 7.20 -12.75 8.97
C ARG A 99 7.39 -12.34 10.43
N GLY A 100 6.80 -13.11 11.34
CA GLY A 100 6.93 -12.84 12.76
C GLY A 100 5.79 -11.99 13.29
N ARG A 101 5.87 -11.61 14.57
CA ARG A 101 4.86 -10.76 15.18
C ARG A 101 5.49 -9.75 16.12
N PHE A 102 4.82 -8.64 16.35
CA PHE A 102 5.20 -7.72 17.42
C PHE A 102 4.23 -7.93 18.57
N VAL A 103 4.77 -8.01 19.79
CA VAL A 103 3.92 -8.18 20.97
C VAL A 103 4.26 -7.17 22.06
N ASP A 104 3.30 -6.83 22.90
CA ASP A 104 3.55 -5.95 24.03
C ASP A 104 4.58 -6.60 24.96
N GLU A 105 5.46 -5.79 25.53
CA GLU A 105 6.37 -6.27 26.55
C GLU A 105 5.54 -6.73 27.75
N PRO A 106 5.53 -8.05 28.02
CA PRO A 106 4.70 -8.59 29.11
C PRO A 106 5.06 -7.99 30.46
N THR A 107 4.10 -7.28 31.05
CA THR A 107 4.32 -6.61 32.34
C THR A 107 3.01 -6.45 33.11
N PHE A 134 5.06 5.76 27.24
CA PHE A 134 3.71 5.53 26.75
C PHE A 134 3.56 5.91 25.28
N GLY A 135 4.68 5.95 24.56
CA GLY A 135 4.68 6.37 23.17
C GLY A 135 4.33 5.27 22.19
N PHE A 136 4.99 5.28 21.03
CA PHE A 136 4.68 4.33 19.98
C PHE A 136 5.23 2.94 20.27
N THR A 137 4.45 1.91 19.90
CA THR A 137 4.93 0.54 19.91
C THR A 137 5.64 0.30 18.58
N LYS A 138 6.29 -0.85 18.45
CA LYS A 138 6.99 -1.17 17.21
C LYS A 138 6.02 -1.32 16.03
N SER A 139 4.80 -1.75 16.33
CA SER A 139 3.77 -1.92 15.31
C SER A 139 3.27 -0.57 14.80
N ASN A 140 3.03 0.36 15.73
CA ASN A 140 2.68 1.73 15.39
C ASN A 140 3.74 2.31 14.47
N GLU A 141 4.99 2.10 14.86
CA GLU A 141 6.15 2.52 14.07
C GLU A 141 6.08 1.93 12.67
N LEU A 142 5.76 0.63 12.59
CA LEU A 142 5.65 -0.07 11.33
C LEU A 142 4.62 0.59 10.43
N PHE A 143 3.48 0.97 11.00
CA PHE A 143 2.43 1.60 10.22
C PHE A 143 2.75 3.03 9.80
N VAL A 144 3.47 3.75 10.64
CA VAL A 144 3.99 5.06 10.23
C VAL A 144 4.91 4.87 9.03
N GLY A 145 5.72 3.81 9.08
CA GLY A 145 6.63 3.49 7.99
C GLY A 145 5.89 3.17 6.70
N ARG A 146 4.79 2.43 6.83
CA ARG A 146 4.01 2.06 5.65
C ARG A 146 3.27 3.26 5.05
N LEU A 147 2.73 4.12 5.90
CA LEU A 147 2.13 5.36 5.42
C LEU A 147 3.17 6.19 4.67
N ALA A 148 4.37 6.27 5.25
CA ALA A 148 5.48 6.98 4.62
C ALA A 148 5.80 6.38 3.26
N GLN A 149 5.81 5.06 3.17
CA GLN A 149 6.10 4.38 1.90
C GLN A 149 5.05 4.71 0.84
N LEU A 150 3.77 4.70 1.24
CA LEU A 150 2.69 5.08 0.34
C LEU A 150 2.86 6.49 -0.18
N GLY A 151 2.94 7.44 0.75
CA GLY A 151 3.07 8.85 0.39
C GLY A 151 4.28 9.12 -0.48
N PHE A 152 5.39 8.44 -0.17
CA PHE A 152 6.63 8.63 -0.90
C PHE A 152 6.46 8.13 -2.33
N ALA A 153 5.95 6.90 -2.46
CA ALA A 153 5.75 6.31 -3.79
C ALA A 153 4.82 7.17 -4.65
N PHE A 154 3.67 7.54 -4.07
CA PHE A 154 2.72 8.39 -4.77
C PHE A 154 3.35 9.71 -5.20
N SER A 155 4.12 10.32 -4.31
CA SER A 155 4.74 11.61 -4.60
C SER A 155 5.79 11.49 -5.71
N LEU A 156 6.53 10.39 -5.70
CA LEU A 156 7.55 10.16 -6.72
C LEU A 156 6.91 9.95 -8.10
N ILE A 157 5.87 9.12 -8.15
CA ILE A 157 5.15 8.92 -9.41
C ILE A 157 4.59 10.25 -9.91
N GLY A 158 4.02 11.01 -8.99
CA GLY A 158 3.52 12.34 -9.29
C GLY A 158 4.57 13.26 -9.89
N GLU A 159 5.77 13.27 -9.30
CA GLU A 159 6.84 14.11 -9.81
C GLU A 159 7.33 13.64 -11.17
N ILE A 160 7.37 12.32 -11.37
CA ILE A 160 7.73 11.76 -12.66
C ILE A 160 6.80 12.27 -13.74
N ILE A 161 5.50 12.14 -13.51
CA ILE A 161 4.51 12.52 -14.52
C ILE A 161 4.36 14.04 -14.73
N THR A 162 4.31 14.79 -13.64
CA THR A 162 3.95 16.21 -13.72
C THR A 162 5.15 17.17 -13.68
N GLY A 163 6.25 16.72 -13.07
CA GLY A 163 7.42 17.57 -12.93
C GLY A 163 7.35 18.43 -11.68
N LYS A 164 6.40 18.10 -10.81
CA LYS A 164 6.18 18.86 -9.58
C LYS A 164 6.50 18.02 -8.35
N GLY A 165 7.22 18.62 -7.40
CA GLY A 165 7.58 17.93 -6.18
C GLY A 165 6.41 17.72 -5.24
N ALA A 166 6.63 16.95 -4.18
CA ALA A 166 5.57 16.57 -3.25
C ALA A 166 4.87 17.77 -2.63
N LEU A 167 5.63 18.82 -2.33
CA LEU A 167 5.06 20.02 -1.73
C LEU A 167 4.16 20.78 -2.71
N ALA A 168 4.61 20.93 -3.95
CA ALA A 168 3.81 21.57 -4.99
C ALA A 168 2.53 20.77 -5.27
N GLN A 169 2.65 19.44 -5.26
CA GLN A 169 1.50 18.56 -5.41
C GLN A 169 0.51 18.77 -4.27
N LEU A 170 1.03 18.83 -3.04
CA LEU A 170 0.20 19.07 -1.87
C LEU A 170 -0.54 20.40 -1.98
N ASN A 171 0.17 21.43 -2.43
CA ASN A 171 -0.42 22.75 -2.62
C ASN A 171 -1.55 22.74 -3.65
N ILE A 172 -1.29 22.10 -4.78
CA ILE A 172 -2.28 22.04 -5.86
C ILE A 172 -3.52 21.24 -5.46
N GLU A 173 -3.29 20.07 -4.88
CA GLU A 173 -4.41 19.16 -4.58
C GLU A 173 -5.19 19.54 -3.33
N THR A 174 -4.55 20.25 -2.39
CA THR A 174 -5.27 20.69 -1.20
C THR A 174 -5.99 22.03 -1.40
N GLY A 175 -5.46 22.84 -2.31
CA GLY A 175 -5.98 24.18 -2.52
C GLY A 175 -5.37 25.13 -1.51
N VAL A 176 -4.69 24.58 -0.51
CA VAL A 176 -4.04 25.40 0.51
C VAL A 176 -2.83 26.11 -0.07
N PRO A 177 -2.77 27.45 0.09
CA PRO A 177 -1.63 28.23 -0.37
C PRO A 177 -0.33 27.73 0.26
N ILE A 178 0.78 27.90 -0.44
CA ILE A 178 2.07 27.39 0.01
C ILE A 178 2.46 27.89 1.42
N ASN A 179 2.21 29.18 1.67
CA ASN A 179 2.58 29.79 2.94
C ASN A 179 1.84 29.19 4.13
N GLU A 180 0.65 28.64 3.87
CA GLU A 180 -0.17 28.06 4.92
C GLU A 180 0.01 26.56 5.01
N ILE A 181 0.67 25.97 4.03
CA ILE A 181 0.91 24.54 4.02
C ILE A 181 2.32 24.19 4.51
N GLU A 182 3.24 25.15 4.37
CA GLU A 182 4.62 24.98 4.82
C GLU A 182 4.78 24.56 6.30
N PRO A 183 4.10 25.24 7.23
CA PRO A 183 4.26 24.82 8.63
C PRO A 183 3.69 23.42 8.89
N LEU A 184 2.56 23.10 8.26
CA LEU A 184 1.95 21.79 8.44
C LEU A 184 2.85 20.69 7.90
N VAL A 185 3.56 20.99 6.81
CA VAL A 185 4.51 20.04 6.23
C VAL A 185 5.76 19.90 7.10
N LEU A 186 6.22 21.02 7.65
CA LEU A 186 7.38 21.01 8.54
C LEU A 186 7.12 20.15 9.78
N LEU A 187 5.88 20.19 10.26
CA LEU A 187 5.46 19.35 11.37
C LEU A 187 5.59 17.87 10.99
N ASN A 188 5.27 17.55 9.73
CA ASN A 188 5.40 16.19 9.23
C ASN A 188 6.86 15.73 9.14
N VAL A 189 7.72 16.62 8.67
CA VAL A 189 9.15 16.35 8.61
C VAL A 189 9.68 15.99 9.98
N VAL A 190 9.34 16.81 10.98
CA VAL A 190 9.74 16.55 12.36
C VAL A 190 9.15 15.23 12.89
N PHE A 191 7.86 15.02 12.64
CA PHE A 191 7.19 13.79 13.04
C PHE A 191 7.87 12.55 12.49
N PHE A 192 8.13 12.55 11.18
CA PHE A 192 8.75 11.41 10.53
C PHE A 192 10.18 11.17 10.97
N PHE A 193 10.94 12.26 11.13
CA PHE A 193 12.33 12.17 11.58
C PHE A 193 12.42 11.57 12.98
N ILE A 194 11.57 12.03 13.89
CA ILE A 194 11.53 11.50 15.25
C ILE A 194 11.12 10.03 15.24
N ALA A 195 10.05 9.71 14.50
CA ALA A 195 9.57 8.34 14.38
C ALA A 195 10.65 7.43 13.83
N ALA A 196 11.43 7.94 12.88
CA ALA A 196 12.44 7.13 12.21
C ALA A 196 13.55 6.68 13.16
N ILE A 197 13.73 7.39 14.26
CA ILE A 197 14.79 7.07 15.20
C ILE A 197 14.24 6.37 16.45
N ASN A 198 12.94 6.52 16.67
CA ASN A 198 12.29 5.85 17.79
C ASN A 198 12.17 4.36 17.57
N PRO A 199 12.77 3.55 18.46
CA PRO A 199 12.75 2.08 18.33
C PRO A 199 11.34 1.51 18.45
N GLY A 200 10.54 2.08 19.34
CA GLY A 200 9.22 1.56 19.62
C GLY A 200 9.27 0.53 20.74
N THR A 201 8.20 0.46 21.53
CA THR A 201 8.12 -0.52 22.62
C THR A 201 7.56 -1.84 22.13
N GLY A 202 7.80 -2.90 22.91
CA GLY A 202 7.37 -4.23 22.53
C GLY A 202 8.54 -5.03 21.99
N LYS A 203 8.31 -6.32 21.71
CA LYS A 203 9.38 -7.16 21.19
C LYS A 203 8.95 -7.96 19.95
N PHE A 204 9.93 -8.25 19.10
CA PHE A 204 9.69 -9.09 17.92
C PHE A 204 9.75 -10.56 18.33
N ILE A 205 8.82 -11.34 17.80
CA ILE A 205 8.72 -12.77 18.09
C ILE A 205 8.68 -13.57 16.80
N THR A 206 9.56 -14.56 16.71
CA THR A 206 9.61 -15.46 15.56
C THR A 206 8.39 -16.40 15.58
N ASP A 207 7.93 -16.80 14.40
CA ASP A 207 6.78 -17.70 14.28
C ASP A 207 6.98 -19.01 15.07
N ASP A 208 8.22 -19.45 15.19
CA ASP A 208 8.52 -20.67 15.94
C ASP A 208 9.15 -20.36 17.29
N LEU B 17 2.01 -12.92 23.72
CA LEU B 17 0.67 -13.03 24.28
C LEU B 17 -0.28 -12.03 23.64
N LYS B 18 -0.05 -10.75 23.89
CA LYS B 18 -0.85 -9.69 23.30
C LYS B 18 -0.23 -9.22 21.99
N VAL B 19 -0.81 -9.66 20.88
CA VAL B 19 -0.28 -9.37 19.56
C VAL B 19 -0.66 -7.96 19.13
N GLU B 20 0.31 -7.26 18.55
CA GLU B 20 0.08 -5.91 18.03
C GLU B 20 -0.29 -5.96 16.54
N ASP B 21 -1.51 -6.40 16.24
CA ASP B 21 -1.93 -6.57 14.85
C ASP B 21 -3.32 -6.00 14.57
N GLY B 22 -3.78 -5.11 15.44
CA GLY B 22 -5.09 -4.51 15.28
C GLY B 22 -5.06 -3.18 14.56
N LEU B 23 -6.04 -2.34 14.86
CA LEU B 23 -6.15 -1.00 14.26
C LEU B 23 -4.89 -0.17 14.51
N PHE B 24 -4.23 0.22 13.43
CA PHE B 24 -2.97 0.96 13.49
C PHE B 24 -1.91 0.28 14.36
N GLY B 25 -2.01 -1.03 14.50
CA GLY B 25 -1.03 -1.81 15.24
C GLY B 25 -1.37 -2.08 16.70
N THR B 26 -2.56 -1.66 17.12
CA THR B 26 -2.96 -1.81 18.52
C THR B 26 -3.10 -3.28 18.93
N SER B 27 -2.99 -3.54 20.24
CA SER B 27 -3.09 -4.89 20.77
C SER B 27 -4.44 -5.11 21.43
N GLY B 28 -5.24 -4.06 21.47
CA GLY B 28 -6.52 -4.09 22.16
C GLY B 28 -7.56 -5.05 21.61
N GLY B 29 -7.25 -5.71 20.50
CA GLY B 29 -8.20 -6.61 19.86
C GLY B 29 -9.18 -5.86 18.98
N ILE B 30 -8.95 -4.57 18.80
CA ILE B 30 -9.77 -3.74 17.93
C ILE B 30 -9.25 -3.77 16.50
N GLY B 31 -10.14 -3.97 15.53
CA GLY B 31 -9.76 -3.90 14.13
C GLY B 31 -10.14 -5.12 13.31
N PHE B 32 -9.89 -5.03 12.00
CA PHE B 32 -10.19 -6.13 11.09
C PHE B 32 -9.36 -7.38 11.39
N THR B 33 -9.94 -8.54 11.11
CA THR B 33 -9.18 -9.79 11.07
C THR B 33 -8.70 -9.98 9.64
N LYS B 34 -7.82 -10.95 9.44
CA LYS B 34 -7.35 -11.27 8.09
C LYS B 34 -8.50 -11.70 7.17
N GLU B 35 -9.54 -12.30 7.77
CA GLU B 35 -10.70 -12.75 7.00
C GLU B 35 -11.50 -11.55 6.48
N ASN B 36 -11.77 -10.59 7.37
CA ASN B 36 -12.42 -9.35 6.98
C ASN B 36 -11.69 -8.73 5.81
N GLU B 37 -10.38 -8.60 5.96
CA GLU B 37 -9.50 -8.03 4.94
C GLU B 37 -9.62 -8.77 3.63
N LEU B 38 -9.64 -10.10 3.70
CA LEU B 38 -9.74 -10.93 2.50
C LEU B 38 -11.05 -10.65 1.77
N PHE B 39 -12.14 -10.56 2.53
CA PHE B 39 -13.44 -10.23 1.94
C PHE B 39 -13.42 -8.87 1.24
N VAL B 40 -13.03 -7.84 1.99
CA VAL B 40 -12.90 -6.49 1.45
C VAL B 40 -12.06 -6.50 0.18
N GLY B 41 -11.01 -7.31 0.20
CA GLY B 41 -10.14 -7.50 -0.95
C GLY B 41 -10.87 -8.09 -2.14
N ARG B 42 -11.74 -9.08 -1.89
CA ARG B 42 -12.53 -9.68 -2.97
C ARG B 42 -13.41 -8.62 -3.61
N VAL B 43 -14.10 -7.85 -2.76
CA VAL B 43 -14.94 -6.77 -3.22
C VAL B 43 -14.12 -5.80 -4.09
N ALA B 44 -12.88 -5.57 -3.68
CA ALA B 44 -11.97 -4.68 -4.41
C ALA B 44 -11.59 -5.26 -5.78
N MET B 45 -11.30 -6.55 -5.83
CA MET B 45 -10.97 -7.22 -7.08
C MET B 45 -12.11 -7.04 -8.07
N ILE B 46 -13.31 -7.36 -7.61
CA ILE B 46 -14.49 -7.24 -8.45
C ILE B 46 -14.75 -5.80 -8.90
N GLY B 47 -14.61 -4.85 -7.98
CA GLY B 47 -14.80 -3.45 -8.32
C GLY B 47 -13.82 -2.94 -9.37
N PHE B 48 -12.54 -3.23 -9.17
CA PHE B 48 -11.48 -2.82 -10.09
C PHE B 48 -11.72 -3.41 -11.47
N ALA B 49 -11.89 -4.73 -11.51
CA ALA B 49 -12.12 -5.44 -12.77
C ALA B 49 -13.33 -4.87 -13.50
N ALA B 50 -14.42 -4.67 -12.76
CA ALA B 50 -15.65 -4.15 -13.33
C ALA B 50 -15.48 -2.73 -13.87
N SER B 51 -14.59 -1.96 -13.23
CA SER B 51 -14.34 -0.60 -13.70
C SER B 51 -13.55 -0.62 -15.01
N LEU B 52 -12.57 -1.52 -15.09
CA LEU B 52 -11.80 -1.67 -16.32
C LEU B 52 -12.69 -2.13 -17.49
N LEU B 53 -13.44 -3.20 -17.24
CA LEU B 53 -14.39 -3.74 -18.21
C LEU B 53 -15.38 -2.66 -18.65
N GLY B 54 -15.89 -1.91 -17.66
CA GLY B 54 -16.84 -0.84 -17.90
C GLY B 54 -16.26 0.26 -18.77
N GLU B 55 -14.99 0.57 -18.57
CA GLU B 55 -14.35 1.56 -19.41
C GLU B 55 -14.20 1.03 -20.83
N GLY B 56 -13.85 -0.25 -20.95
CA GLY B 56 -13.74 -0.88 -22.24
C GLY B 56 -15.05 -0.83 -23.03
N ILE B 57 -16.16 -1.04 -22.33
CA ILE B 57 -17.47 -1.04 -22.97
C ILE B 57 -17.99 0.37 -23.28
N THR B 58 -17.83 1.28 -22.32
CA THR B 58 -18.43 2.61 -22.43
C THR B 58 -17.48 3.69 -22.94
N GLY B 59 -16.18 3.41 -22.89
CA GLY B 59 -15.18 4.41 -23.25
C GLY B 59 -15.00 5.47 -22.19
N LYS B 60 -15.67 5.29 -21.05
CA LYS B 60 -15.64 6.26 -19.96
C LYS B 60 -15.11 5.64 -18.69
N GLY B 61 -14.34 6.41 -17.92
CA GLY B 61 -13.87 5.93 -16.62
C GLY B 61 -15.04 5.70 -15.68
N ILE B 62 -14.83 4.87 -14.67
CA ILE B 62 -15.89 4.50 -13.75
C ILE B 62 -16.55 5.70 -13.06
N LEU B 63 -15.75 6.71 -12.71
CA LEU B 63 -16.29 7.89 -12.03
C LEU B 63 -17.18 8.70 -12.96
N SER B 64 -16.82 8.72 -14.24
CA SER B 64 -17.64 9.39 -15.24
C SER B 64 -18.90 8.57 -15.56
N GLN B 65 -18.77 7.24 -15.50
CA GLN B 65 -19.92 6.36 -15.68
C GLN B 65 -20.91 6.58 -14.54
N LEU B 66 -20.36 6.79 -13.35
CA LEU B 66 -21.18 7.09 -12.18
C LEU B 66 -21.51 8.59 -12.16
N ASN B 67 -21.03 9.29 -13.18
CA ASN B 67 -21.32 10.71 -13.38
C ASN B 67 -20.71 11.62 -12.31
N LEU B 68 -19.76 11.09 -11.56
CA LEU B 68 -19.05 11.89 -10.57
C LEU B 68 -18.08 12.84 -11.27
N GLU B 69 -17.91 14.04 -10.73
CA GLU B 69 -17.09 15.07 -11.38
C GLU B 69 -15.60 14.71 -11.41
N THR B 70 -14.97 14.92 -12.57
CA THR B 70 -13.56 14.61 -12.74
C THR B 70 -12.83 15.76 -13.44
N GLY B 71 -11.50 15.64 -13.55
CA GLY B 71 -10.69 16.72 -14.06
C GLY B 71 -10.63 17.86 -13.05
N ILE B 72 -10.55 17.49 -11.78
CA ILE B 72 -10.61 18.45 -10.68
C ILE B 72 -9.57 18.10 -9.60
N PRO B 73 -9.20 19.08 -8.77
CA PRO B 73 -8.33 18.77 -7.63
C PRO B 73 -9.02 17.89 -6.60
N ILE B 74 -8.24 17.17 -5.80
CA ILE B 74 -8.78 16.21 -4.84
C ILE B 74 -9.82 16.81 -3.87
N TYR B 75 -9.54 18.00 -3.36
CA TYR B 75 -10.40 18.61 -2.34
C TYR B 75 -11.80 18.94 -2.83
N GLU B 76 -11.96 19.04 -4.15
CA GLU B 76 -13.26 19.34 -4.73
C GLU B 76 -14.05 18.08 -5.06
N ALA B 77 -13.41 16.92 -4.89
CA ALA B 77 -14.06 15.65 -5.19
C ALA B 77 -15.04 15.26 -4.08
N GLU B 78 -16.01 14.42 -4.43
CA GLU B 78 -17.01 13.96 -3.47
C GLU B 78 -16.38 13.29 -2.25
N PRO B 79 -16.69 13.80 -1.05
CA PRO B 79 -16.16 13.32 0.23
C PRO B 79 -16.34 11.82 0.46
N LEU B 80 -17.40 11.22 -0.08
CA LEU B 80 -17.60 9.79 0.07
C LEU B 80 -16.61 9.01 -0.78
N LEU B 81 -16.29 9.55 -1.96
CA LEU B 81 -15.28 8.95 -2.82
C LEU B 81 -13.91 9.00 -2.16
N LEU B 82 -13.59 10.14 -1.56
CA LEU B 82 -12.32 10.31 -0.84
C LEU B 82 -12.25 9.39 0.37
N PHE B 83 -13.35 9.32 1.11
CA PHE B 83 -13.56 8.37 2.20
C PHE B 83 -13.17 6.97 1.72
N PHE B 84 -13.75 6.58 0.59
CA PHE B 84 -13.55 5.26 0.02
C PHE B 84 -12.09 5.01 -0.38
N ILE B 85 -11.45 6.02 -0.95
CA ILE B 85 -10.06 5.92 -1.36
C ILE B 85 -9.13 5.74 -0.14
N LEU B 86 -9.36 6.54 0.89
CA LEU B 86 -8.59 6.39 2.12
C LEU B 86 -8.81 5.01 2.73
N PHE B 87 -10.07 4.60 2.82
CA PHE B 87 -10.43 3.29 3.36
C PHE B 87 -9.68 2.18 2.64
N THR B 88 -9.72 2.25 1.31
CA THR B 88 -9.06 1.27 0.46
C THR B 88 -7.55 1.24 0.69
N LEU B 89 -6.94 2.43 0.77
CA LEU B 89 -5.50 2.55 0.97
C LEU B 89 -5.05 2.03 2.34
N LEU B 90 -5.73 2.45 3.39
CA LEU B 90 -5.42 2.03 4.74
C LEU B 90 -5.66 0.53 4.91
N GLY B 91 -6.62 0.01 4.16
CA GLY B 91 -6.91 -1.41 4.20
C GLY B 91 -5.84 -2.21 3.49
N ALA B 92 -5.31 -1.65 2.40
CA ALA B 92 -4.27 -2.30 1.62
C ALA B 92 -2.98 -2.51 2.43
N ILE B 93 -2.67 -1.56 3.31
CA ILE B 93 -1.45 -1.65 4.10
C ILE B 93 -1.68 -2.25 5.48
N GLY B 94 -2.92 -2.69 5.73
CA GLY B 94 -3.25 -3.38 6.96
C GLY B 94 -3.47 -2.50 8.18
N ALA B 95 -3.57 -1.18 7.98
CA ALA B 95 -3.72 -0.26 9.09
C ALA B 95 -5.08 -0.38 9.78
N LEU B 96 -6.07 -0.95 9.10
CA LEU B 96 -7.39 -1.10 9.68
C LEU B 96 -7.52 -2.38 10.52
N GLY B 97 -6.38 -3.02 10.77
CA GLY B 97 -6.38 -4.27 11.49
C GLY B 97 -5.94 -5.43 10.61
N ASP B 98 -5.15 -6.34 11.17
CA ASP B 98 -4.62 -7.47 10.43
C ASP B 98 -4.58 -8.68 11.37
N ARG B 99 -5.62 -8.79 12.20
CA ARG B 99 -5.64 -9.73 13.31
C ARG B 99 -5.75 -11.19 12.88
N GLY B 100 -5.10 -12.08 13.63
CA GLY B 100 -5.13 -13.50 13.34
C GLY B 100 -4.08 -13.89 12.32
N ARG B 101 -4.12 -15.14 11.86
CA ARG B 101 -3.14 -15.64 10.91
C ARG B 101 -3.75 -16.59 9.89
N PHE B 102 -3.07 -16.76 8.75
CA PHE B 102 -3.39 -17.82 7.82
C PHE B 102 -2.29 -18.86 7.89
N VAL B 103 -2.66 -20.14 7.98
CA VAL B 103 -1.68 -21.22 7.99
C VAL B 103 -2.04 -22.31 7.00
N ASP B 104 -1.02 -23.04 6.53
CA ASP B 104 -1.22 -24.15 5.62
C ASP B 104 -2.13 -25.21 6.25
N GLU B 105 -2.97 -25.83 5.44
CA GLU B 105 -3.80 -26.93 5.90
C GLU B 105 -2.92 -28.13 6.24
N PRO B 106 -3.00 -28.61 7.48
CA PRO B 106 -2.27 -29.83 7.86
C PRO B 106 -2.99 -31.08 7.37
N PHE B 134 -3.91 -22.29 -9.68
CA PHE B 134 -4.35 -22.93 -8.44
C PHE B 134 -3.17 -23.09 -7.49
N GLY B 135 -3.41 -23.74 -6.36
CA GLY B 135 -2.42 -23.83 -5.30
C GLY B 135 -2.50 -22.59 -4.43
N PHE B 136 -3.30 -21.63 -4.86
CA PHE B 136 -3.44 -20.35 -4.17
C PHE B 136 -4.00 -20.47 -2.77
N THR B 137 -3.23 -20.03 -1.79
CA THR B 137 -3.66 -20.02 -0.40
C THR B 137 -4.51 -18.79 -0.16
N LYS B 138 -5.09 -18.69 1.04
CA LYS B 138 -5.89 -17.53 1.39
C LYS B 138 -5.02 -16.28 1.54
N SER B 139 -3.73 -16.49 1.75
CA SER B 139 -2.78 -15.40 1.93
C SER B 139 -2.42 -14.80 0.56
N ASN B 140 -2.19 -15.68 -0.41
CA ASN B 140 -1.99 -15.24 -1.79
C ASN B 140 -3.19 -14.45 -2.25
N GLU B 141 -4.36 -14.93 -1.84
CA GLU B 141 -5.63 -14.27 -2.14
C GLU B 141 -5.66 -12.88 -1.52
N LEU B 142 -5.24 -12.81 -0.27
CA LEU B 142 -5.20 -11.55 0.46
C LEU B 142 -4.32 -10.54 -0.25
N PHE B 143 -3.18 -11.00 -0.77
CA PHE B 143 -2.28 -10.09 -1.47
C PHE B 143 -2.76 -9.70 -2.88
N VAL B 144 -3.46 -10.60 -3.57
CA VAL B 144 -4.10 -10.21 -4.82
C VAL B 144 -5.11 -9.10 -4.53
N GLY B 145 -5.85 -9.27 -3.43
CA GLY B 145 -6.80 -8.26 -2.99
C GLY B 145 -6.16 -6.93 -2.69
N ARG B 146 -5.04 -6.96 -1.97
CA ARG B 146 -4.32 -5.73 -1.65
C ARG B 146 -3.78 -5.03 -2.90
N LEU B 147 -3.29 -5.81 -3.85
CA LEU B 147 -2.86 -5.28 -5.14
C LEU B 147 -4.03 -4.58 -5.82
N ALA B 148 -5.17 -5.25 -5.86
CA ALA B 148 -6.38 -4.68 -6.43
C ALA B 148 -6.75 -3.36 -5.75
N GLN B 149 -6.56 -3.31 -4.43
CA GLN B 149 -6.86 -2.11 -3.67
C GLN B 149 -5.95 -0.93 -4.05
N LEU B 150 -4.64 -1.20 -4.11
CA LEU B 150 -3.69 -0.17 -4.54
C LEU B 150 -4.02 0.33 -5.94
N GLY B 151 -4.22 -0.59 -6.87
CA GLY B 151 -4.50 -0.23 -8.26
C GLY B 151 -5.79 0.55 -8.42
N PHE B 152 -6.84 0.12 -7.72
CA PHE B 152 -8.12 0.80 -7.77
C PHE B 152 -7.99 2.23 -7.24
N ALA B 153 -7.38 2.36 -6.07
CA ALA B 153 -7.17 3.67 -5.45
C ALA B 153 -6.40 4.60 -6.39
N PHE B 154 -5.29 4.08 -6.91
CA PHE B 154 -4.47 4.79 -7.88
C PHE B 154 -5.30 5.31 -9.04
N SER B 155 -6.01 4.40 -9.69
CA SER B 155 -6.79 4.76 -10.87
C SER B 155 -7.86 5.79 -10.55
N LEU B 156 -8.45 5.69 -9.36
CA LEU B 156 -9.47 6.64 -8.93
C LEU B 156 -8.90 8.04 -8.73
N ILE B 157 -7.78 8.14 -8.02
CA ILE B 157 -7.14 9.43 -7.82
C ILE B 157 -6.74 10.03 -9.16
N GLY B 158 -6.18 9.19 -10.01
CA GLY B 158 -5.81 9.58 -11.36
C GLY B 158 -6.98 10.12 -12.16
N GLU B 159 -8.12 9.45 -12.08
CA GLU B 159 -9.31 9.89 -12.81
C GLU B 159 -9.85 11.20 -12.26
N ILE B 160 -9.84 11.34 -10.93
CA ILE B 160 -10.24 12.58 -10.29
C ILE B 160 -9.42 13.75 -10.83
N ILE B 161 -8.10 13.58 -10.84
CA ILE B 161 -7.21 14.67 -11.25
C ILE B 161 -7.22 14.94 -12.77
N THR B 162 -7.26 13.88 -13.57
CA THR B 162 -7.08 14.04 -15.01
C THR B 162 -8.35 13.87 -15.84
N GLY B 163 -9.39 13.26 -15.26
CA GLY B 163 -10.62 13.01 -15.99
C GLY B 163 -10.49 11.82 -16.93
N LYS B 164 -9.45 11.02 -16.71
CA LYS B 164 -9.18 9.85 -17.55
C LYS B 164 -9.27 8.55 -16.77
N GLY B 165 -10.01 7.58 -17.32
CA GLY B 165 -10.18 6.29 -16.68
C GLY B 165 -8.90 5.48 -16.66
N ALA B 166 -8.95 4.33 -15.98
CA ALA B 166 -7.76 3.50 -15.79
C ALA B 166 -7.13 3.04 -17.10
N LEU B 167 -7.95 2.67 -18.08
CA LEU B 167 -7.46 2.22 -19.37
C LEU B 167 -6.67 3.32 -20.08
N ALA B 168 -7.24 4.52 -20.11
CA ALA B 168 -6.58 5.66 -20.73
C ALA B 168 -5.29 6.05 -19.99
N GLN B 169 -5.32 5.95 -18.66
CA GLN B 169 -4.13 6.21 -17.85
C GLN B 169 -3.02 5.24 -18.25
N LEU B 170 -3.40 3.98 -18.38
CA LEU B 170 -2.50 2.91 -18.81
C LEU B 170 -1.90 3.24 -20.17
N ASN B 171 -2.77 3.61 -21.11
CA ASN B 171 -2.35 3.99 -22.45
C ASN B 171 -1.32 5.12 -22.46
N ILE B 172 -1.64 6.21 -21.79
CA ILE B 172 -0.74 7.36 -21.72
C ILE B 172 0.58 7.01 -21.05
N GLU B 173 0.52 6.23 -19.98
CA GLU B 173 1.71 5.99 -19.15
C GLU B 173 2.55 4.78 -19.55
N THR B 174 2.08 4.00 -20.53
CA THR B 174 2.89 2.90 -21.04
C THR B 174 3.34 3.15 -22.47
N GLY B 175 2.61 4.02 -23.17
CA GLY B 175 2.90 4.29 -24.56
C GLY B 175 2.26 3.27 -25.48
N VAL B 176 1.84 2.15 -24.89
CA VAL B 176 1.17 1.09 -25.62
C VAL B 176 -0.24 1.51 -26.02
N PRO B 177 -0.57 1.38 -27.31
CA PRO B 177 -1.89 1.75 -27.82
C PRO B 177 -3.02 0.99 -27.15
N ILE B 178 -4.18 1.64 -27.01
CA ILE B 178 -5.34 1.04 -26.35
C ILE B 178 -5.69 -0.35 -26.89
N ASN B 179 -5.62 -0.50 -28.21
CA ASN B 179 -5.92 -1.77 -28.86
C ASN B 179 -4.96 -2.91 -28.51
N GLU B 180 -3.70 -2.57 -28.22
CA GLU B 180 -2.72 -3.56 -27.79
C GLU B 180 -2.85 -3.77 -26.29
N ILE B 181 -3.53 -2.83 -25.63
CA ILE B 181 -3.65 -2.84 -24.17
C ILE B 181 -4.82 -3.70 -23.69
N GLU B 182 -5.97 -3.55 -24.34
CA GLU B 182 -7.20 -4.23 -23.92
C GLU B 182 -7.14 -5.76 -23.75
N PRO B 183 -6.45 -6.48 -24.66
CA PRO B 183 -6.35 -7.93 -24.43
C PRO B 183 -5.69 -8.27 -23.10
N LEU B 184 -4.54 -7.66 -22.82
CA LEU B 184 -3.83 -7.89 -21.57
C LEU B 184 -4.69 -7.53 -20.36
N VAL B 185 -5.43 -6.44 -20.48
CA VAL B 185 -6.31 -6.00 -19.39
C VAL B 185 -7.48 -6.96 -19.21
N LEU B 186 -8.04 -7.43 -20.33
CA LEU B 186 -9.11 -8.41 -20.27
C LEU B 186 -8.64 -9.68 -19.56
N LEU B 187 -7.41 -10.09 -19.88
CA LEU B 187 -6.81 -11.24 -19.20
C LEU B 187 -6.73 -10.96 -17.70
N ASN B 188 -6.28 -9.75 -17.37
CA ASN B 188 -6.18 -9.32 -15.98
C ASN B 188 -7.56 -9.28 -15.32
N VAL B 189 -8.56 -8.84 -16.08
CA VAL B 189 -9.94 -8.82 -15.60
C VAL B 189 -10.44 -10.22 -15.26
N VAL B 190 -10.16 -11.18 -16.14
CA VAL B 190 -10.54 -12.56 -15.89
C VAL B 190 -9.89 -13.07 -14.60
N PHE B 191 -8.62 -12.74 -14.43
CA PHE B 191 -7.86 -13.17 -13.25
C PHE B 191 -8.49 -12.70 -11.94
N PHE B 192 -8.90 -11.44 -11.89
CA PHE B 192 -9.46 -10.88 -10.66
C PHE B 192 -10.81 -11.49 -10.34
N PHE B 193 -11.62 -11.74 -11.37
CA PHE B 193 -12.91 -12.40 -11.19
C PHE B 193 -12.70 -13.81 -10.66
N ILE B 194 -11.73 -14.51 -11.23
CA ILE B 194 -11.39 -15.87 -10.79
C ILE B 194 -10.91 -15.85 -9.34
N ALA B 195 -10.06 -14.88 -9.02
CA ALA B 195 -9.49 -14.79 -7.68
C ALA B 195 -10.53 -14.35 -6.64
N ALA B 196 -11.42 -13.45 -7.04
CA ALA B 196 -12.42 -12.93 -6.13
C ALA B 196 -13.37 -14.02 -5.61
N ILE B 197 -13.51 -15.08 -6.39
CA ILE B 197 -14.44 -16.16 -6.08
C ILE B 197 -13.72 -17.36 -5.47
N ASN B 198 -12.45 -17.55 -5.86
CA ASN B 198 -11.65 -18.64 -5.34
C ASN B 198 -11.45 -18.51 -3.83
N PRO B 199 -11.88 -19.54 -3.07
CA PRO B 199 -11.79 -19.55 -1.61
C PRO B 199 -10.36 -19.47 -1.12
N GLY B 200 -9.47 -20.18 -1.79
CA GLY B 200 -8.08 -20.28 -1.39
C GLY B 200 -7.90 -21.33 -0.31
N THR B 201 -6.79 -22.06 -0.38
CA THR B 201 -6.53 -23.12 0.59
C THR B 201 -5.95 -22.56 1.90
N GLY B 202 -5.85 -23.41 2.90
CA GLY B 202 -5.37 -22.99 4.21
C GLY B 202 -6.53 -22.62 5.10
N LYS B 203 -6.23 -22.26 6.35
CA LYS B 203 -7.28 -21.84 7.28
C LYS B 203 -6.86 -20.64 8.13
N PHE B 204 -7.84 -20.10 8.87
CA PHE B 204 -7.63 -18.91 9.69
C PHE B 204 -7.54 -19.25 11.17
N ILE B 205 -6.49 -18.77 11.83
CA ILE B 205 -6.29 -19.00 13.26
C ILE B 205 -6.43 -17.68 14.02
N THR B 206 -7.14 -17.73 15.15
CA THR B 206 -7.24 -16.57 16.04
C THR B 206 -6.08 -16.56 17.03
#